data_8RAL
#
_entry.id   8RAL
#
_cell.length_a   50.057
_cell.length_b   76.032
_cell.length_c   133.037
_cell.angle_alpha   90.000
_cell.angle_beta   90.000
_cell.angle_gamma   90.000
#
_symmetry.space_group_name_H-M   'P 2 21 21'
#
loop_
_entity.id
_entity.type
_entity.pdbx_description
1 polymer 'H-2 class II histocompatibility antigen, A-B alpha chain'
2 polymer 'H-2 class II histocompatibility antigen, A beta chain'
3 polymer 'CL3E peptide'
4 branched alpha-D-mannopyranose-(1-2)-alpha-D-mannopyranose-(1-3)-alpha-D-mannopyranose-(1-4)-2-acetamido-2-deoxy-beta-D-glucopyranose-(1-4)-2-acetamido-2-deoxy-beta-D-glucopyranose
5 non-polymer 1,2-ETHANEDIOL
6 water water
#
loop_
_entity_poly.entity_id
_entity_poly.type
_entity_poly.pdbx_seq_one_letter_code
_entity_poly.pdbx_strand_id
1 'polypeptide(L)'
;EDDIEADHVGTYGISVYQSPGDIGQYTFEFDGDELFYVDLDKKETVWMLPEFGQLASFDPQGGLQNIAVVKHNLGCLTKR
SNSTPATNEAPQATVFPKSPVLLGQPNTLICFVDNIFPPVINITWLRNSKSVADGVYETSFFVNRDYSFHKLSYLTFIPS
DDDIYDCKVEHWGLEEPVLKHWEPEIPAPMSELTE
;
A
2 'polypeptide(L)'
;GLYLEAVPLQVGCGGGSGGSGGGGSGDSERHFVYQFMGECYFTNGTQRIRYVTRYIYNREEYVRYDSDVGEHRAVTELGR
PDAEYWNSQPEILERTRAELDTVCRHNY(VHF)GPETHTSLRRLEQPNVVISLSRTEALNHHNTLVCSVTDFYPAKIKVR
WFRNGQEETVGVSSTQLIRNGDWTFQVLVMLEMTPRRGEVYTCHVEHPSLKSPITVEWRAQSESAWSK
;
B
3 'polypeptide(L)' GLYLEAVPLQVGC C
#
# COMPACT_ATOMS: atom_id res chain seq x y z
N GLU A 5 -15.29 -7.14 2.04
CA GLU A 5 -14.76 -5.98 2.80
C GLU A 5 -15.76 -4.83 2.68
N ALA A 6 -15.46 -3.84 1.81
CA ALA A 6 -15.91 -2.48 2.02
C ALA A 6 -15.77 -1.63 0.76
N ASP A 7 -16.48 -0.49 0.71
CA ASP A 7 -16.22 0.56 -0.27
C ASP A 7 -14.80 1.09 -0.10
N HIS A 8 -14.38 1.31 1.17
CA HIS A 8 -13.07 1.87 1.44
C HIS A 8 -12.46 1.25 2.69
N VAL A 9 -11.14 1.37 2.79
CA VAL A 9 -10.41 0.83 3.92
C VAL A 9 -9.38 1.86 4.36
N GLY A 10 -9.63 2.48 5.53
CA GLY A 10 -8.64 3.29 6.22
C GLY A 10 -7.79 2.43 7.14
N THR A 11 -6.46 2.55 7.07
CA THR A 11 -5.62 1.87 8.05
C THR A 11 -4.91 2.94 8.86
N TYR A 12 -5.43 3.17 10.06
CA TYR A 12 -5.27 4.39 10.83
C TYR A 12 -4.46 4.00 12.04
N GLY A 13 -3.24 3.62 11.63
CA GLY A 13 -2.24 3.08 12.47
C GLY A 13 -1.72 1.89 11.72
N ILE A 14 -0.47 1.94 11.26
CA ILE A 14 0.26 0.71 11.10
C ILE A 14 1.61 0.87 11.77
N SER A 15 1.80 0.08 12.83
CA SER A 15 3.05 0.07 13.57
C SER A 15 3.76 -1.25 13.31
N VAL A 16 4.99 -1.17 12.86
CA VAL A 16 5.79 -2.34 12.58
C VAL A 16 7.14 -2.11 13.27
N TYR A 17 7.55 -3.13 14.02
CA TYR A 17 8.79 -3.06 14.75
C TYR A 17 9.46 -4.40 14.62
N GLN A 18 10.79 -4.40 14.61
CA GLN A 18 11.50 -5.64 14.47
C GLN A 18 12.72 -5.65 15.36
N SER A 19 13.14 -6.87 15.68
CA SER A 19 14.29 -7.12 16.53
C SER A 19 15.05 -8.34 16.01
N PRO A 20 16.40 -8.34 16.05
CA PRO A 20 17.17 -7.17 16.41
C PRO A 20 17.10 -6.12 15.29
N GLY A 21 17.84 -5.04 15.43
CA GLY A 21 17.79 -3.96 14.47
C GLY A 21 17.15 -2.74 15.09
N ASP A 22 16.15 -2.92 15.96
CA ASP A 22 15.45 -1.77 16.50
C ASP A 22 14.87 -0.96 15.33
N ILE A 23 14.20 -1.66 14.41
CA ILE A 23 13.70 -1.10 13.17
C ILE A 23 12.21 -0.85 13.34
N GLY A 24 11.79 0.42 13.26
CA GLY A 24 10.39 0.76 13.39
C GLY A 24 9.85 1.43 12.13
N GLN A 25 8.56 1.23 11.86
CA GLN A 25 7.88 1.98 10.82
C GLN A 25 6.43 2.23 11.20
N TYR A 26 5.98 3.45 11.00
CA TYR A 26 4.61 3.84 11.30
C TYR A 26 4.07 4.58 10.10
N THR A 27 2.95 4.06 9.56
CA THR A 27 2.32 4.65 8.39
C THR A 27 0.80 4.73 8.61
N PHE A 28 0.17 5.55 7.78
CA PHE A 28 -1.25 5.54 7.50
C PHE A 28 -1.45 5.15 6.04
N GLU A 29 -2.50 4.34 5.79
CA GLU A 29 -2.87 3.89 4.46
C GLU A 29 -4.34 4.18 4.23
N PHE A 30 -4.71 4.46 2.97
CA PHE A 30 -6.12 4.56 2.57
C PHE A 30 -6.27 3.91 1.20
N ASP A 31 -7.22 2.99 1.09
CA ASP A 31 -7.46 2.20 -0.12
C ASP A 31 -6.15 1.70 -0.72
N GLY A 32 -5.24 1.24 0.12
CA GLY A 32 -4.05 0.57 -0.37
C GLY A 32 -2.85 1.51 -0.59
N ASP A 33 -3.06 2.84 -0.52
CA ASP A 33 -2.01 3.80 -0.78
C ASP A 33 -1.53 4.43 0.52
N GLU A 34 -0.29 4.92 0.53
CA GLU A 34 0.31 5.45 1.74
C GLU A 34 -0.02 6.94 1.89
N LEU A 35 -0.79 7.34 2.92
CA LEU A 35 -1.03 8.74 3.20
C LEU A 35 0.28 9.42 3.62
N PHE A 36 0.93 8.83 4.64
CA PHE A 36 2.16 9.35 5.20
C PHE A 36 2.88 8.29 6.01
N TYR A 37 4.15 8.58 6.30
CA TYR A 37 4.89 7.81 7.28
C TYR A 37 5.46 8.79 8.29
N VAL A 38 5.74 8.31 9.51
CA VAL A 38 6.30 9.17 10.53
C VAL A 38 7.78 8.89 10.56
N ASP A 39 8.56 9.93 10.26
CA ASP A 39 10.00 9.86 10.39
C ASP A 39 10.30 9.83 11.88
N LEU A 40 10.59 8.62 12.35
CA LEU A 40 10.78 8.36 13.76
C LEU A 40 12.02 9.12 14.24
N ASP A 41 13.03 9.29 13.37
CA ASP A 41 14.28 9.91 13.76
C ASP A 41 14.04 11.41 13.84
N LYS A 42 13.25 11.96 12.94
CA LYS A 42 13.10 13.41 12.87
C LYS A 42 11.79 13.83 13.51
N LYS A 43 10.98 12.89 13.97
CA LYS A 43 9.68 13.21 14.51
C LYS A 43 8.92 14.10 13.52
N GLU A 44 8.75 13.63 12.28
CA GLU A 44 8.04 14.44 11.29
C GLU A 44 7.08 13.55 10.50
N THR A 45 5.90 14.11 10.21
CA THR A 45 4.94 13.46 9.35
C THR A 45 5.32 13.78 7.91
N VAL A 46 5.64 12.73 7.12
CA VAL A 46 6.11 12.85 5.75
C VAL A 46 5.04 12.31 4.81
N TRP A 47 4.44 13.21 4.04
CA TRP A 47 3.30 12.88 3.21
C TRP A 47 3.76 12.36 1.84
N MET A 48 3.05 11.33 1.34
CA MET A 48 3.33 10.79 0.01
C MET A 48 3.02 11.88 -1.03
N LEU A 49 1.90 12.60 -0.86
CA LEU A 49 1.58 13.72 -1.73
C LEU A 49 1.72 15.02 -0.96
N PRO A 50 2.65 15.92 -1.34
CA PRO A 50 2.81 17.16 -0.60
C PRO A 50 1.50 17.90 -0.32
N GLU A 51 0.66 18.08 -1.34
CA GLU A 51 -0.60 18.80 -1.18
C GLU A 51 -1.36 18.32 0.06
N PHE A 52 -1.31 17.02 0.36
CA PHE A 52 -2.13 16.43 1.41
C PHE A 52 -1.69 16.99 2.77
N GLY A 53 -0.37 17.11 2.96
CA GLY A 53 0.16 17.63 4.22
C GLY A 53 -0.23 19.09 4.45
N GLN A 54 -0.88 19.77 3.50
CA GLN A 54 -1.34 21.13 3.73
C GLN A 54 -2.85 21.12 3.77
N LEU A 55 -3.44 19.96 3.48
CA LEU A 55 -4.89 19.85 3.59
C LEU A 55 -5.24 19.21 4.93
N ALA A 56 -4.27 18.50 5.52
CA ALA A 56 -4.54 17.76 6.73
C ALA A 56 -3.25 17.61 7.50
N SER A 57 -3.40 17.14 8.74
CA SER A 57 -2.27 17.04 9.64
C SER A 57 -2.32 15.72 10.38
N PHE A 58 -1.15 15.34 10.90
CA PHE A 58 -1.07 14.26 11.87
C PHE A 58 0.09 14.57 12.80
N ASP A 59 -0.18 14.47 14.09
CA ASP A 59 0.82 14.73 15.11
C ASP A 59 1.79 13.55 15.19
N PRO A 60 3.07 13.67 14.75
CA PRO A 60 3.96 12.50 14.72
C PRO A 60 4.21 11.83 16.07
N GLN A 61 3.91 12.57 17.15
CA GLN A 61 3.99 12.00 18.48
C GLN A 61 3.16 10.72 18.55
N GLY A 62 1.98 10.73 17.91
CA GLY A 62 1.12 9.56 17.81
C GLY A 62 1.89 8.32 17.33
N GLY A 63 2.65 8.51 16.25
CA GLY A 63 3.46 7.46 15.69
C GLY A 63 4.53 6.97 16.67
N LEU A 64 5.20 7.92 17.35
CA LEU A 64 6.29 7.58 18.24
C LEU A 64 5.75 6.73 19.39
N GLN A 65 4.60 7.18 19.93
CA GLN A 65 3.95 6.50 21.03
C GLN A 65 3.59 5.10 20.56
N ASN A 66 3.02 4.98 19.34
CA ASN A 66 2.60 3.69 18.83
C ASN A 66 3.78 2.71 18.78
N ILE A 67 4.91 3.19 18.28
CA ILE A 67 6.06 2.32 18.05
C ILE A 67 6.66 1.86 19.38
N ALA A 68 6.65 2.80 20.34
CA ALA A 68 7.12 2.49 21.69
C ALA A 68 6.30 1.36 22.28
N VAL A 69 4.97 1.42 22.11
CA VAL A 69 4.12 0.38 22.65
C VAL A 69 4.49 -0.93 21.98
N VAL A 70 4.55 -0.93 20.64
CA VAL A 70 4.73 -2.17 19.92
C VAL A 70 6.11 -2.71 20.25
N LYS A 71 7.10 -1.83 20.43
CA LYS A 71 8.44 -2.29 20.77
C LYS A 71 8.39 -3.11 22.07
N HIS A 72 7.68 -2.55 23.06
CA HIS A 72 7.55 -3.19 24.36
C HIS A 72 6.86 -4.53 24.19
N ASN A 73 5.68 -4.51 23.56
CA ASN A 73 4.90 -5.72 23.35
C ASN A 73 5.72 -6.80 22.66
N LEU A 74 6.56 -6.43 21.71
CA LEU A 74 7.35 -7.40 20.99
C LEU A 74 8.24 -8.15 21.98
N GLY A 75 8.86 -7.42 22.90
CA GLY A 75 9.58 -8.03 24.00
C GLY A 75 8.74 -9.12 24.68
N CYS A 76 7.52 -8.74 25.09
CA CYS A 76 6.68 -9.65 25.85
C CYS A 76 6.28 -10.84 24.99
N LEU A 77 5.93 -10.60 23.73
CA LEU A 77 5.48 -11.69 22.88
C LEU A 77 6.65 -12.60 22.48
N THR A 78 7.86 -12.06 22.49
CA THR A 78 9.01 -12.87 22.14
C THR A 78 9.13 -13.98 23.19
N LYS A 79 9.12 -13.58 24.47
CA LYS A 79 9.23 -14.51 25.59
C LYS A 79 8.02 -15.44 25.64
N ARG A 80 6.82 -14.85 25.52
CA ARG A 80 5.57 -15.61 25.58
C ARG A 80 5.55 -16.71 24.51
N SER A 81 6.27 -16.52 23.40
CA SER A 81 6.31 -17.52 22.33
C SER A 81 7.53 -18.45 22.43
N ASN A 82 8.30 -18.37 23.51
CA ASN A 82 9.56 -19.10 23.63
C ASN A 82 10.57 -18.62 22.60
N SER A 83 10.53 -17.33 22.26
CA SER A 83 11.42 -16.80 21.25
C SER A 83 11.36 -17.64 19.96
N THR A 84 10.14 -17.92 19.45
CA THR A 84 9.96 -18.33 18.07
C THR A 84 10.33 -17.20 17.12
N PRO A 85 11.25 -17.43 16.16
CA PRO A 85 11.64 -16.39 15.21
C PRO A 85 10.75 -16.37 13.97
N ALA A 86 10.79 -15.26 13.23
CA ALA A 86 10.11 -15.15 11.95
C ALA A 86 10.73 -16.11 10.92
N THR A 87 9.88 -16.68 10.04
CA THR A 87 10.28 -17.48 8.88
C THR A 87 10.44 -16.60 7.63
N ASN A 88 11.66 -16.59 7.06
CA ASN A 88 12.01 -15.79 5.88
C ASN A 88 11.17 -16.21 4.68
N GLU A 89 10.67 -15.26 3.89
CA GLU A 89 10.06 -15.61 2.62
C GLU A 89 10.98 -15.17 1.46
N ALA A 90 10.73 -15.79 0.31
CA ALA A 90 11.33 -15.35 -0.93
C ALA A 90 10.40 -14.33 -1.59
N PRO A 91 10.82 -13.06 -1.72
CA PRO A 91 10.00 -12.06 -2.38
C PRO A 91 9.91 -12.26 -3.88
N GLN A 92 8.99 -11.55 -4.52
CA GLN A 92 8.78 -11.65 -5.96
C GLN A 92 8.69 -10.24 -6.54
N ALA A 93 9.49 -10.00 -7.58
CA ALA A 93 9.60 -8.69 -8.18
C ALA A 93 9.08 -8.73 -9.61
N THR A 94 8.41 -7.65 -9.98
CA THR A 94 8.02 -7.37 -11.35
C THR A 94 8.39 -5.91 -11.66
N VAL A 95 8.90 -5.68 -12.88
CA VAL A 95 9.30 -4.36 -13.34
C VAL A 95 8.34 -3.90 -14.40
N PHE A 96 7.90 -2.64 -14.37
CA PHE A 96 7.07 -2.12 -15.43
C PHE A 96 7.18 -0.60 -15.47
N PRO A 97 6.95 0.06 -16.64
CA PRO A 97 6.98 1.51 -16.73
C PRO A 97 5.70 2.18 -16.25
N LYS A 98 5.83 3.39 -15.72
CA LYS A 98 4.72 4.16 -15.24
C LYS A 98 3.82 4.58 -16.41
N SER A 99 4.43 4.75 -17.58
CA SER A 99 3.85 5.28 -18.81
C SER A 99 4.29 4.42 -20.00
N PRO A 100 3.60 4.50 -21.16
CA PRO A 100 4.10 3.82 -22.35
C PRO A 100 5.48 4.37 -22.69
N VAL A 101 6.40 3.48 -23.04
CA VAL A 101 7.79 3.82 -23.27
C VAL A 101 8.02 4.39 -24.67
N LEU A 102 8.32 5.69 -24.78
CA LEU A 102 8.63 6.37 -26.03
C LEU A 102 10.06 6.92 -25.97
N LEU A 103 10.90 6.57 -26.96
CA LEU A 103 12.30 6.96 -26.93
C LEU A 103 12.37 8.47 -26.70
N GLY A 104 13.38 8.89 -25.92
CA GLY A 104 13.61 10.30 -25.65
C GLY A 104 12.40 11.01 -25.04
N GLN A 105 11.59 10.25 -24.30
CA GLN A 105 10.49 10.80 -23.52
C GLN A 105 10.65 10.30 -22.07
N PRO A 106 10.92 11.18 -21.08
CA PRO A 106 11.29 10.75 -19.73
C PRO A 106 10.14 10.01 -19.04
N ASN A 107 10.52 8.96 -18.30
CA ASN A 107 9.61 7.97 -17.77
C ASN A 107 10.18 7.53 -16.42
N THR A 108 9.46 6.59 -15.79
CA THR A 108 9.79 6.03 -14.49
C THR A 108 9.64 4.52 -14.57
N LEU A 109 10.73 3.80 -14.29
CA LEU A 109 10.66 2.35 -14.12
C LEU A 109 10.25 2.04 -12.69
N ILE A 110 9.29 1.14 -12.54
CA ILE A 110 8.77 0.77 -11.24
C ILE A 110 9.18 -0.68 -10.97
N CYS A 111 9.83 -0.92 -9.83
CA CYS A 111 9.99 -2.28 -9.33
C CYS A 111 9.06 -2.50 -8.14
N PHE A 112 8.07 -3.38 -8.35
CA PHE A 112 7.20 -3.84 -7.29
C PHE A 112 7.68 -5.19 -6.75
N VAL A 113 7.94 -5.24 -5.45
CA VAL A 113 8.40 -6.45 -4.79
C VAL A 113 7.36 -6.82 -3.74
N ASP A 114 6.87 -8.06 -3.88
CA ASP A 114 5.81 -8.59 -3.04
C ASP A 114 6.37 -9.80 -2.30
N ASN A 115 5.60 -10.27 -1.30
CA ASN A 115 5.95 -11.40 -0.45
C ASN A 115 7.22 -11.08 0.34
N ILE A 116 7.24 -9.86 0.88
CA ILE A 116 8.39 -9.41 1.64
C ILE A 116 8.11 -9.77 3.09
N PHE A 117 8.96 -10.68 3.62
CA PHE A 117 8.90 -10.99 5.03
C PHE A 117 10.17 -11.72 5.44
N PRO A 118 10.94 -11.25 6.46
CA PRO A 118 10.62 -10.04 7.23
C PRO A 118 10.82 -8.76 6.43
N PRO A 119 10.27 -7.59 6.88
CA PRO A 119 10.48 -6.32 6.19
C PRO A 119 11.87 -5.71 6.38
N VAL A 120 12.85 -6.36 5.76
CA VAL A 120 14.20 -5.87 5.59
C VAL A 120 14.59 -6.18 4.15
N ILE A 121 14.91 -5.17 3.34
CA ILE A 121 15.22 -5.52 1.95
C ILE A 121 16.14 -4.47 1.34
N ASN A 122 16.95 -4.92 0.37
CA ASN A 122 17.62 -4.04 -0.56
C ASN A 122 16.99 -4.18 -1.93
N ILE A 123 16.52 -3.03 -2.45
CA ILE A 123 16.05 -2.96 -3.83
C ILE A 123 16.87 -1.84 -4.48
N THR A 124 17.66 -2.21 -5.50
CA THR A 124 18.52 -1.24 -6.17
C THR A 124 18.52 -1.55 -7.66
N TRP A 125 18.82 -0.53 -8.48
CA TRP A 125 18.69 -0.61 -9.92
C TRP A 125 20.04 -0.81 -10.60
N LEU A 126 20.05 -1.64 -11.64
CA LEU A 126 21.20 -1.72 -12.54
C LEU A 126 20.86 -1.10 -13.90
N ARG A 127 21.75 -0.23 -14.40
CA ARG A 127 21.67 0.32 -15.75
C ARG A 127 22.85 -0.25 -16.55
N ASN A 128 22.55 -1.18 -17.45
CA ASN A 128 23.58 -2.00 -18.08
C ASN A 128 24.59 -2.38 -17.01
N SER A 129 24.11 -2.84 -15.85
CA SER A 129 24.93 -3.58 -14.89
C SER A 129 25.75 -2.69 -13.97
N LYS A 130 25.63 -1.35 -14.03
CA LYS A 130 26.25 -0.54 -12.99
C LYS A 130 25.15 -0.06 -12.04
N SER A 131 25.46 0.08 -10.75
CA SER A 131 24.49 0.50 -9.75
C SER A 131 24.04 1.93 -10.09
N VAL A 132 22.73 2.20 -10.00
CA VAL A 132 22.24 3.50 -10.37
C VAL A 132 21.59 4.11 -9.14
N ALA A 133 22.35 4.94 -8.42
CA ALA A 133 21.85 5.64 -7.25
C ALA A 133 20.95 6.83 -7.64
N ASP A 134 21.21 7.45 -8.78
CA ASP A 134 20.62 8.74 -9.09
C ASP A 134 19.17 8.57 -9.55
N GLY A 135 18.31 9.52 -9.17
CA GLY A 135 16.89 9.55 -9.50
C GLY A 135 16.14 8.31 -9.00
N VAL A 136 16.54 7.77 -7.82
CA VAL A 136 15.90 6.60 -7.23
C VAL A 136 15.16 6.94 -5.94
N TYR A 137 13.88 6.56 -5.86
CA TYR A 137 13.05 6.75 -4.67
C TYR A 137 12.36 5.42 -4.35
N GLU A 138 12.09 5.19 -3.06
CA GLU A 138 11.49 3.95 -2.60
C GLU A 138 10.31 4.30 -1.69
N THR A 139 9.33 3.42 -1.61
CA THR A 139 8.21 3.57 -0.69
C THR A 139 8.54 2.87 0.61
N SER A 140 7.69 3.15 1.60
CA SER A 140 7.56 2.40 2.82
C SER A 140 7.15 0.97 2.46
N PHE A 141 7.19 0.06 3.46
CA PHE A 141 6.60 -1.26 3.35
C PHE A 141 5.09 -1.14 3.55
N PHE A 142 4.34 -1.64 2.58
CA PHE A 142 2.88 -1.67 2.65
C PHE A 142 2.48 -3.02 3.16
N VAL A 143 1.38 -3.06 3.92
CA VAL A 143 0.90 -4.29 4.53
C VAL A 143 0.14 -5.13 3.52
N ASN A 144 0.27 -6.45 3.65
CA ASN A 144 -0.48 -7.40 2.87
C ASN A 144 -1.41 -8.15 3.82
N ARG A 145 -2.53 -8.66 3.29
CA ARG A 145 -3.55 -9.33 4.10
C ARG A 145 -2.98 -10.59 4.73
N ASP A 146 -1.89 -11.17 4.22
CA ASP A 146 -1.25 -12.31 4.88
C ASP A 146 -0.10 -11.89 5.77
N TYR A 147 0.03 -10.57 6.02
CA TYR A 147 0.97 -10.00 6.99
C TYR A 147 2.42 -10.06 6.49
N SER A 148 2.66 -10.39 5.23
CA SER A 148 3.87 -9.94 4.55
C SER A 148 3.71 -8.50 4.08
N PHE A 149 4.76 -8.00 3.44
CA PHE A 149 4.79 -6.64 2.93
C PHE A 149 5.07 -6.59 1.44
N HIS A 150 4.68 -5.44 0.83
CA HIS A 150 5.22 -5.08 -0.47
C HIS A 150 5.89 -3.71 -0.39
N LYS A 151 6.76 -3.45 -1.37
CA LYS A 151 7.47 -2.20 -1.47
C LYS A 151 7.78 -1.90 -2.93
N LEU A 152 7.70 -0.62 -3.33
CA LEU A 152 8.01 -0.24 -4.70
C LEU A 152 9.29 0.60 -4.72
N SER A 153 10.13 0.32 -5.73
CA SER A 153 11.20 1.25 -6.10
C SER A 153 10.93 1.87 -7.47
N TYR A 154 11.37 3.12 -7.60
CA TYR A 154 11.18 3.93 -8.80
C TYR A 154 12.54 4.42 -9.29
N LEU A 155 12.76 4.29 -10.60
CA LEU A 155 13.92 4.85 -11.28
C LEU A 155 13.46 5.80 -12.40
N THR A 156 13.84 7.07 -12.35
CA THR A 156 13.52 7.91 -13.49
C THR A 156 14.56 7.64 -14.58
N PHE A 157 14.14 7.65 -15.85
CA PHE A 157 15.04 7.37 -16.94
C PHE A 157 14.51 8.00 -18.23
N ILE A 158 15.46 8.18 -19.17
CA ILE A 158 15.19 8.54 -20.55
C ILE A 158 15.24 7.25 -21.36
N PRO A 159 14.13 6.77 -21.96
CA PRO A 159 14.16 5.53 -22.72
C PRO A 159 15.21 5.61 -23.81
N SER A 160 15.74 4.45 -24.23
CA SER A 160 16.85 4.39 -25.16
C SER A 160 16.93 3.00 -25.77
N ASP A 161 17.24 2.91 -27.08
CA ASP A 161 17.43 1.64 -27.75
C ASP A 161 18.60 0.91 -27.10
N ASP A 162 19.49 1.65 -26.45
CA ASP A 162 20.84 1.18 -26.16
C ASP A 162 21.00 0.79 -24.69
N ASP A 163 19.95 0.89 -23.86
CA ASP A 163 20.08 0.70 -22.42
C ASP A 163 19.31 -0.54 -21.95
N ILE A 164 19.94 -1.37 -21.08
CA ILE A 164 19.32 -2.52 -20.42
C ILE A 164 19.13 -2.20 -18.93
N TYR A 165 18.04 -2.68 -18.32
CA TYR A 165 17.77 -2.36 -16.91
C TYR A 165 17.48 -3.61 -16.10
N ASP A 166 17.94 -3.60 -14.85
CA ASP A 166 17.52 -4.63 -13.90
C ASP A 166 17.14 -4.01 -12.57
N CYS A 167 16.10 -4.61 -12.00
CA CYS A 167 15.80 -4.51 -10.59
C CYS A 167 16.45 -5.67 -9.82
N LYS A 168 17.38 -5.39 -8.90
CA LYS A 168 18.02 -6.41 -8.07
C LYS A 168 17.51 -6.32 -6.62
N VAL A 169 17.01 -7.45 -6.13
CA VAL A 169 16.39 -7.56 -4.83
C VAL A 169 17.28 -8.46 -3.98
N GLU A 170 17.81 -7.92 -2.88
CA GLU A 170 18.53 -8.72 -1.89
C GLU A 170 17.66 -8.89 -0.64
N HIS A 171 17.42 -10.15 -0.25
CA HIS A 171 16.62 -10.52 0.92
C HIS A 171 17.13 -11.81 1.56
N TRP A 172 17.09 -11.87 2.91
CA TRP A 172 17.46 -13.07 3.65
C TRP A 172 16.79 -14.32 3.09
N GLY A 173 15.55 -14.19 2.58
CA GLY A 173 14.85 -15.29 1.93
C GLY A 173 15.48 -15.73 0.61
N LEU A 174 16.55 -15.03 0.17
CA LEU A 174 17.26 -15.32 -1.07
C LEU A 174 18.74 -15.46 -0.74
N GLU A 175 19.39 -16.46 -1.34
CA GLU A 175 20.76 -16.73 -0.96
C GLU A 175 21.70 -15.61 -1.43
N GLU A 176 21.52 -15.19 -2.69
CA GLU A 176 22.30 -14.12 -3.29
C GLU A 176 21.35 -13.18 -4.04
N PRO A 177 21.70 -11.88 -4.17
CA PRO A 177 20.78 -10.92 -4.78
C PRO A 177 20.27 -11.49 -6.12
N VAL A 178 19.05 -11.12 -6.48
CA VAL A 178 18.39 -11.59 -7.68
C VAL A 178 17.95 -10.42 -8.57
N LEU A 179 18.20 -10.59 -9.88
CA LEU A 179 17.99 -9.54 -10.87
C LEU A 179 16.69 -9.78 -11.62
N LYS A 180 15.81 -8.76 -11.67
CA LYS A 180 14.63 -8.78 -12.52
C LYS A 180 14.83 -7.85 -13.71
N HIS A 181 14.76 -8.40 -14.93
CA HIS A 181 15.24 -7.76 -16.15
C HIS A 181 14.08 -7.07 -16.88
N TRP A 182 14.34 -5.90 -17.46
CA TRP A 182 13.34 -5.22 -18.26
C TRP A 182 13.98 -4.55 -19.48
N GLU A 183 13.27 -4.64 -20.62
CA GLU A 183 13.66 -3.95 -21.86
C GLU A 183 12.42 -3.87 -22.75
N GLU B 29 21.15 -15.18 13.94
CA GLU B 29 20.31 -14.89 12.74
C GLU B 29 18.82 -15.01 13.08
N ARG B 30 18.43 -14.87 14.36
CA ARG B 30 17.02 -14.97 14.74
C ARG B 30 16.40 -13.56 14.68
N HIS B 31 15.25 -13.45 13.99
CA HIS B 31 14.64 -12.16 13.69
C HIS B 31 13.20 -12.17 14.14
N PHE B 32 12.71 -11.04 14.67
CA PHE B 32 11.36 -11.00 15.21
C PHE B 32 10.62 -9.77 14.70
N VAL B 33 9.34 -9.96 14.38
CA VAL B 33 8.57 -8.89 13.80
C VAL B 33 7.25 -8.80 14.56
N TYR B 34 6.84 -7.57 14.88
CA TYR B 34 5.56 -7.31 15.51
C TYR B 34 4.84 -6.28 14.66
N GLN B 35 3.50 -6.43 14.53
CA GLN B 35 2.69 -5.48 13.79
C GLN B 35 1.41 -5.21 14.56
N PHE B 36 1.07 -3.92 14.67
CA PHE B 36 -0.20 -3.47 15.19
C PHE B 36 -0.86 -2.65 14.08
N MET B 37 -2.15 -2.87 13.86
CA MET B 37 -2.86 -2.00 12.94
C MET B 37 -4.29 -1.77 13.40
N GLY B 38 -4.80 -0.58 13.09
CA GLY B 38 -6.20 -0.25 13.26
C GLY B 38 -6.85 -0.05 11.91
N GLU B 39 -7.73 -0.99 11.51
CA GLU B 39 -8.34 -0.99 10.20
C GLU B 39 -9.80 -0.60 10.29
N CYS B 40 -10.18 0.39 9.48
CA CYS B 40 -11.53 0.90 9.38
C CYS B 40 -12.12 0.53 8.02
N TYR B 41 -13.20 -0.27 8.01
CA TYR B 41 -13.89 -0.69 6.80
C TYR B 41 -15.17 0.14 6.62
N PHE B 42 -15.27 0.89 5.52
CA PHE B 42 -16.40 1.79 5.29
C PHE B 42 -17.21 1.34 4.08
N THR B 43 -18.54 1.28 4.26
CA THR B 43 -19.51 1.00 3.20
C THR B 43 -20.54 2.12 3.19
N ASN B 44 -20.87 2.59 1.97
CA ASN B 44 -21.75 3.73 1.79
C ASN B 44 -21.30 4.78 2.81
N GLY B 45 -20.04 5.19 2.65
CA GLY B 45 -19.41 6.16 3.54
C GLY B 45 -19.23 5.61 4.94
N THR B 46 -19.72 6.38 5.92
CA THR B 46 -19.72 6.00 7.32
C THR B 46 -21.12 5.54 7.75
N GLN B 47 -22.01 5.19 6.82
CA GLN B 47 -23.29 4.62 7.20
C GLN B 47 -23.04 3.25 7.81
N ARG B 48 -22.00 2.53 7.35
CA ARG B 48 -21.58 1.29 7.95
C ARG B 48 -20.07 1.28 8.14
N ILE B 49 -19.63 1.17 9.40
CA ILE B 49 -18.22 1.09 9.75
C ILE B 49 -17.98 -0.22 10.50
N ARG B 50 -16.94 -0.95 10.09
CA ARG B 50 -16.40 -2.01 10.92
C ARG B 50 -14.97 -1.63 11.32
N TYR B 51 -14.69 -1.67 12.64
CA TYR B 51 -13.39 -1.30 13.18
C TYR B 51 -12.73 -2.57 13.65
N VAL B 52 -11.50 -2.84 13.19
CA VAL B 52 -10.76 -3.99 13.66
C VAL B 52 -9.38 -3.50 14.06
N THR B 53 -8.92 -3.74 15.30
CA THR B 53 -7.48 -3.68 15.56
C THR B 53 -6.90 -5.08 15.60
N ARG B 54 -5.63 -5.19 15.25
CA ARG B 54 -4.97 -6.47 15.13
C ARG B 54 -3.57 -6.42 15.73
N TYR B 55 -3.23 -7.38 16.58
CA TYR B 55 -1.90 -7.51 17.12
C TYR B 55 -1.26 -8.74 16.47
N ILE B 56 -0.12 -8.58 15.83
CA ILE B 56 0.47 -9.66 15.06
C ILE B 56 1.91 -9.86 15.54
N TYR B 57 2.24 -11.12 15.82
CA TYR B 57 3.61 -11.51 16.12
C TYR B 57 4.10 -12.44 15.01
N ASN B 58 5.15 -12.06 14.26
CA ASN B 58 5.66 -12.92 13.19
C ASN B 58 4.49 -13.54 12.38
N ARG B 59 3.63 -12.69 11.82
CA ARG B 59 2.60 -13.07 10.87
C ARG B 59 1.42 -13.77 11.53
N GLU B 60 1.50 -13.97 12.84
CA GLU B 60 0.41 -14.58 13.59
C GLU B 60 -0.40 -13.48 14.27
N GLU B 61 -1.59 -13.21 13.72
CA GLU B 61 -2.52 -12.37 14.44
C GLU B 61 -2.97 -13.16 15.67
N TYR B 62 -2.70 -12.63 16.88
CA TYR B 62 -2.92 -13.37 18.11
C TYR B 62 -4.02 -12.74 18.96
N VAL B 63 -4.39 -11.48 18.73
CA VAL B 63 -5.50 -10.85 19.43
C VAL B 63 -6.13 -9.84 18.49
N ARG B 64 -7.42 -9.59 18.64
CA ARG B 64 -8.06 -8.68 17.71
C ARG B 64 -9.24 -8.03 18.43
N TYR B 65 -9.42 -6.73 18.24
CA TYR B 65 -10.68 -6.12 18.55
C TYR B 65 -11.43 -6.11 17.24
N ASP B 66 -12.74 -6.32 17.29
CA ASP B 66 -13.59 -6.27 16.11
C ASP B 66 -14.91 -5.68 16.57
N SER B 67 -15.34 -4.57 15.96
CA SER B 67 -16.56 -3.88 16.36
C SER B 67 -17.80 -4.74 16.10
N ASP B 68 -17.70 -5.76 15.22
CA ASP B 68 -18.82 -6.66 15.01
C ASP B 68 -19.08 -7.52 16.25
N VAL B 69 -18.05 -7.73 17.10
CA VAL B 69 -18.20 -8.48 18.33
C VAL B 69 -18.31 -7.54 19.55
N GLY B 70 -17.54 -6.44 19.54
CA GLY B 70 -17.66 -5.41 20.56
C GLY B 70 -16.64 -5.61 21.68
N GLU B 71 -15.61 -6.45 21.46
CA GLU B 71 -14.64 -6.74 22.49
C GLU B 71 -13.46 -7.45 21.86
N HIS B 72 -12.38 -7.60 22.63
CA HIS B 72 -11.16 -8.24 22.16
C HIS B 72 -11.39 -9.75 22.16
N ARG B 73 -10.69 -10.48 21.28
CA ARG B 73 -10.67 -11.93 21.29
C ARG B 73 -9.27 -12.41 20.99
N ALA B 74 -8.89 -13.47 21.69
CA ALA B 74 -7.77 -14.30 21.27
C ALA B 74 -8.11 -14.92 19.93
N VAL B 75 -7.22 -14.70 18.96
CA VAL B 75 -7.30 -15.35 17.68
C VAL B 75 -6.49 -16.64 17.77
N THR B 76 -5.40 -16.60 18.54
CA THR B 76 -4.67 -17.81 18.85
C THR B 76 -4.33 -17.86 20.34
N GLU B 77 -3.60 -18.93 20.69
CA GLU B 77 -3.20 -19.20 22.06
C GLU B 77 -2.30 -18.10 22.60
N LEU B 78 -1.42 -17.53 21.74
CA LEU B 78 -0.54 -16.46 22.16
C LEU B 78 -1.35 -15.27 22.73
N GLY B 79 -2.64 -15.16 22.40
CA GLY B 79 -3.46 -14.01 22.81
C GLY B 79 -4.33 -14.27 24.04
N ARG B 80 -4.24 -15.49 24.59
CA ARG B 80 -5.10 -15.91 25.70
C ARG B 80 -4.83 -15.03 26.92
N PRO B 81 -3.57 -14.72 27.31
CA PRO B 81 -3.34 -13.77 28.39
C PRO B 81 -3.89 -12.35 28.23
N ASP B 82 -4.26 -11.91 27.03
CA ASP B 82 -4.56 -10.49 26.85
C ASP B 82 -6.03 -10.25 26.72
N ALA B 83 -6.72 -11.08 25.93
CA ALA B 83 -8.03 -10.67 25.44
C ALA B 83 -9.01 -10.51 26.60
N GLU B 84 -9.10 -11.53 27.45
CA GLU B 84 -10.09 -11.54 28.52
C GLU B 84 -9.69 -10.49 29.55
N TYR B 85 -8.40 -10.42 29.84
CA TYR B 85 -7.86 -9.40 30.73
C TYR B 85 -8.37 -8.03 30.27
N TRP B 86 -8.07 -7.67 29.02
CA TRP B 86 -8.49 -6.39 28.45
C TRP B 86 -10.00 -6.21 28.48
N ASN B 87 -10.76 -7.29 28.29
CA ASN B 87 -12.22 -7.26 28.38
C ASN B 87 -12.74 -6.97 29.80
N SER B 88 -11.99 -7.38 30.82
CA SER B 88 -12.39 -7.18 32.20
C SER B 88 -12.20 -5.73 32.68
N GLN B 89 -11.39 -4.93 31.96
CA GLN B 89 -11.04 -3.59 32.41
C GLN B 89 -11.90 -2.57 31.66
N PRO B 90 -12.92 -1.97 32.28
CA PRO B 90 -13.97 -1.31 31.50
C PRO B 90 -13.49 -0.13 30.66
N GLU B 91 -12.46 0.59 31.15
CA GLU B 91 -11.88 1.74 30.47
C GLU B 91 -11.14 1.28 29.19
N ILE B 92 -10.52 0.10 29.20
CA ILE B 92 -9.90 -0.42 27.99
C ILE B 92 -11.00 -0.66 26.97
N LEU B 93 -12.05 -1.28 27.47
CA LEU B 93 -13.13 -1.72 26.61
C LEU B 93 -13.88 -0.51 26.07
N GLU B 94 -14.10 0.53 26.89
CA GLU B 94 -14.84 1.70 26.40
C GLU B 94 -13.98 2.47 25.41
N ARG B 95 -12.68 2.64 25.69
CA ARG B 95 -11.80 3.38 24.81
C ARG B 95 -11.64 2.68 23.46
N THR B 96 -11.42 1.35 23.46
CA THR B 96 -11.22 0.67 22.19
C THR B 96 -12.49 0.76 21.36
N ARG B 97 -13.64 0.52 22.01
CA ARG B 97 -14.92 0.59 21.32
C ARG B 97 -15.08 1.93 20.64
N ALA B 98 -14.78 3.01 21.37
CA ALA B 98 -15.06 4.36 20.92
C ALA B 98 -14.15 4.75 19.75
N GLU B 99 -13.08 3.98 19.52
CA GLU B 99 -12.18 4.33 18.44
C GLU B 99 -12.90 4.21 17.09
N LEU B 100 -13.97 3.41 17.02
CA LEU B 100 -14.81 3.38 15.83
C LEU B 100 -15.26 4.80 15.47
N ASP B 101 -15.54 5.63 16.48
CA ASP B 101 -15.90 7.00 16.21
C ASP B 101 -14.68 7.94 16.19
N THR B 102 -13.77 7.77 17.14
CA THR B 102 -12.77 8.80 17.35
C THR B 102 -11.66 8.67 16.32
N VAL B 103 -11.52 7.48 15.70
CA VAL B 103 -10.53 7.24 14.66
C VAL B 103 -11.25 7.08 13.31
N CYS B 104 -11.91 5.94 13.05
CA CYS B 104 -12.55 5.69 11.77
C CYS B 104 -13.49 6.82 11.35
N ARG B 105 -14.52 7.09 12.15
CA ARG B 105 -15.56 8.01 11.73
C ARG B 105 -14.98 9.39 11.54
N HIS B 106 -14.17 9.83 12.53
CA HIS B 106 -13.52 11.14 12.53
C HIS B 106 -12.64 11.31 11.30
N ASN B 107 -11.75 10.32 11.05
CA ASN B 107 -10.86 10.44 9.91
C ASN B 107 -11.63 10.51 8.60
N TYR B 108 -12.64 9.64 8.42
CA TYR B 108 -13.36 9.53 7.16
C TYR B 108 -14.07 10.88 6.91
N GLY B 110 -13.64 13.93 8.35
CA GLY B 110 -12.72 15.08 8.40
C GLY B 110 -11.63 14.99 7.34
N PRO B 111 -10.38 14.67 7.74
CA PRO B 111 -9.23 14.79 6.86
C PRO B 111 -9.39 14.06 5.52
N GLU B 112 -9.91 12.83 5.58
CA GLU B 112 -10.01 11.94 4.44
C GLU B 112 -10.93 12.54 3.39
N THR B 113 -11.95 13.31 3.79
CA THR B 113 -12.86 13.83 2.78
C THR B 113 -12.19 14.99 2.07
N HIS B 114 -11.20 15.62 2.68
CA HIS B 114 -10.54 16.73 2.01
C HIS B 114 -9.31 16.23 1.28
N THR B 115 -8.87 14.99 1.52
CA THR B 115 -7.65 14.51 0.90
C THR B 115 -8.02 13.37 -0.05
N SER B 116 -7.95 12.12 0.40
CA SER B 116 -8.13 10.96 -0.47
C SER B 116 -9.44 10.98 -1.24
N LEU B 117 -10.56 11.35 -0.60
CA LEU B 117 -11.86 11.25 -1.26
C LEU B 117 -12.15 12.41 -2.22
N ARG B 118 -11.29 13.44 -2.25
CA ARG B 118 -11.49 14.57 -3.15
C ARG B 118 -10.48 14.52 -4.31
N ARG B 119 -9.44 13.69 -4.20
CA ARG B 119 -8.42 13.57 -5.22
C ARG B 119 -9.03 13.02 -6.52
N LEU B 120 -8.83 13.79 -7.61
CA LEU B 120 -9.25 13.42 -8.95
C LEU B 120 -8.08 13.70 -9.89
N GLU B 121 -7.54 12.66 -10.51
CA GLU B 121 -6.46 12.79 -11.47
C GLU B 121 -6.88 12.11 -12.78
N GLN B 122 -7.05 12.97 -13.80
CA GLN B 122 -7.57 12.57 -15.08
C GLN B 122 -6.58 11.64 -15.75
N PRO B 123 -7.05 10.53 -16.35
CA PRO B 123 -6.18 9.62 -17.09
C PRO B 123 -5.62 10.23 -18.36
N ASN B 124 -4.40 9.86 -18.69
CA ASN B 124 -3.83 10.05 -20.01
C ASN B 124 -4.10 8.79 -20.81
N VAL B 125 -4.61 8.99 -22.05
CA VAL B 125 -5.00 7.92 -22.95
C VAL B 125 -4.21 8.07 -24.25
N VAL B 126 -3.37 7.06 -24.55
CA VAL B 126 -2.63 7.01 -25.80
C VAL B 126 -2.87 5.64 -26.46
N ILE B 127 -3.01 5.65 -27.79
CA ILE B 127 -3.18 4.43 -28.54
C ILE B 127 -1.89 4.16 -29.29
N SER B 128 -1.42 2.94 -29.24
CA SER B 128 -0.28 2.53 -30.04
C SER B 128 -0.55 1.14 -30.62
N LEU B 129 0.37 0.63 -31.46
CA LEU B 129 0.24 -0.66 -32.11
C LEU B 129 1.35 -1.59 -31.62
N SER B 130 1.02 -2.83 -31.27
CA SER B 130 1.94 -3.67 -30.54
C SER B 130 3.15 -4.09 -31.42
N ASN B 139 -0.74 -5.86 -35.85
CA ASN B 139 -1.13 -6.97 -34.94
C ASN B 139 -2.28 -6.47 -34.03
N THR B 140 -1.95 -5.64 -33.02
CA THR B 140 -2.89 -5.28 -31.97
C THR B 140 -2.81 -3.79 -31.65
N LEU B 141 -3.97 -3.18 -31.41
CA LEU B 141 -4.07 -1.85 -30.81
C LEU B 141 -4.04 -1.98 -29.28
N VAL B 142 -3.21 -1.12 -28.63
CA VAL B 142 -3.10 -1.03 -27.18
C VAL B 142 -3.55 0.36 -26.77
N CYS B 143 -4.57 0.42 -25.92
CA CYS B 143 -5.00 1.67 -25.32
C CYS B 143 -4.46 1.77 -23.89
N SER B 144 -3.42 2.59 -23.69
CA SER B 144 -2.82 2.84 -22.38
C SER B 144 -3.53 3.99 -21.67
N VAL B 145 -3.98 3.72 -20.45
CA VAL B 145 -4.69 4.71 -19.66
C VAL B 145 -3.90 4.86 -18.38
N THR B 146 -3.28 6.02 -18.17
CA THR B 146 -2.26 6.13 -17.15
C THR B 146 -2.54 7.33 -16.27
N ASP B 147 -1.98 7.24 -15.05
CA ASP B 147 -1.85 8.37 -14.14
C ASP B 147 -3.17 8.86 -13.59
N PHE B 148 -4.12 7.94 -13.34
CA PHE B 148 -5.43 8.38 -12.86
C PHE B 148 -5.65 7.99 -11.39
N TYR B 149 -6.60 8.69 -10.79
CA TYR B 149 -7.04 8.41 -9.43
C TYR B 149 -8.44 8.99 -9.28
N PRO B 150 -9.44 8.36 -8.62
CA PRO B 150 -9.31 7.03 -8.00
C PRO B 150 -9.30 5.90 -9.02
N ALA B 151 -9.37 4.66 -8.52
CA ALA B 151 -9.31 3.44 -9.32
C ALA B 151 -10.53 3.22 -10.22
N LYS B 152 -11.72 3.71 -9.86
CA LYS B 152 -12.94 3.42 -10.62
C LYS B 152 -12.82 4.02 -12.03
N ILE B 153 -12.95 3.15 -13.04
CA ILE B 153 -12.77 3.52 -14.44
C ILE B 153 -13.45 2.49 -15.35
N LYS B 154 -13.89 2.96 -16.54
CA LYS B 154 -14.37 2.12 -17.62
C LYS B 154 -13.64 2.56 -18.88
N VAL B 155 -12.94 1.61 -19.50
CA VAL B 155 -12.27 1.77 -20.78
C VAL B 155 -12.99 0.88 -21.79
N ARG B 156 -13.41 1.46 -22.93
CA ARG B 156 -14.14 0.71 -23.94
C ARG B 156 -13.50 0.95 -25.31
N TRP B 157 -13.35 -0.11 -26.11
CA TRP B 157 -12.96 0.03 -27.50
C TRP B 157 -14.19 0.19 -28.39
N PHE B 158 -14.00 0.91 -29.50
CA PHE B 158 -15.03 1.09 -30.52
C PHE B 158 -14.37 0.85 -31.89
N ARG B 159 -15.06 0.11 -32.78
CA ARG B 159 -14.68 0.08 -34.19
C ARG B 159 -15.82 0.74 -34.95
N ASN B 160 -15.50 1.82 -35.68
CA ASN B 160 -16.50 2.58 -36.43
C ASN B 160 -17.81 2.69 -35.66
N GLY B 161 -17.75 3.29 -34.48
CA GLY B 161 -18.99 3.72 -33.83
C GLY B 161 -19.69 2.61 -33.06
N GLN B 162 -19.16 1.37 -33.12
CA GLN B 162 -19.78 0.27 -32.39
C GLN B 162 -18.86 -0.23 -31.26
N GLU B 163 -19.44 -0.44 -30.07
CA GLU B 163 -18.72 -0.96 -28.93
C GLU B 163 -18.37 -2.42 -29.19
N GLU B 164 -17.06 -2.68 -29.31
CA GLU B 164 -16.50 -4.03 -29.36
C GLU B 164 -16.27 -4.54 -27.93
N THR B 165 -16.69 -5.79 -27.65
CA THR B 165 -16.29 -6.52 -26.46
C THR B 165 -15.56 -7.80 -26.86
N VAL B 166 -15.75 -8.26 -28.08
CA VAL B 166 -15.09 -9.49 -28.46
C VAL B 166 -13.66 -9.11 -28.83
N GLY B 167 -12.69 -9.96 -28.50
CA GLY B 167 -11.30 -9.73 -28.85
C GLY B 167 -10.65 -8.56 -28.10
N VAL B 168 -11.22 -8.18 -26.95
CA VAL B 168 -10.71 -7.11 -26.10
C VAL B 168 -10.13 -7.71 -24.84
N SER B 169 -8.92 -7.29 -24.44
CA SER B 169 -8.26 -7.82 -23.26
C SER B 169 -7.70 -6.66 -22.42
N SER B 170 -8.21 -6.53 -21.18
CA SER B 170 -7.75 -5.51 -20.26
C SER B 170 -6.83 -6.16 -19.21
N THR B 171 -5.77 -5.44 -18.79
CA THR B 171 -5.01 -5.87 -17.63
C THR B 171 -5.87 -5.72 -16.37
N GLN B 172 -5.35 -6.24 -15.26
CA GLN B 172 -5.90 -5.84 -13.96
C GLN B 172 -5.55 -4.38 -13.73
N LEU B 173 -6.16 -3.76 -12.72
CA LEU B 173 -5.76 -2.44 -12.24
C LEU B 173 -4.31 -2.54 -11.78
N ILE B 174 -3.45 -1.68 -12.31
CA ILE B 174 -2.04 -1.65 -11.95
C ILE B 174 -1.88 -0.46 -11.01
N ARG B 175 -1.42 -0.73 -9.79
CA ARG B 175 -1.27 0.30 -8.77
C ARG B 175 0.17 0.79 -8.83
N ASN B 176 0.37 2.08 -9.12
CA ASN B 176 1.71 2.62 -9.31
C ASN B 176 2.40 2.85 -7.96
N GLY B 177 1.64 2.90 -6.86
CA GLY B 177 2.19 3.08 -5.53
C GLY B 177 2.30 4.57 -5.12
N ASP B 178 1.88 5.49 -5.98
CA ASP B 178 2.04 6.91 -5.78
C ASP B 178 0.70 7.63 -5.93
N TRP B 179 -0.39 6.95 -5.58
CA TRP B 179 -1.72 7.53 -5.70
C TRP B 179 -2.10 7.71 -7.18
N THR B 180 -1.51 6.88 -8.06
CA THR B 180 -2.01 6.74 -9.43
C THR B 180 -2.15 5.29 -9.83
N PHE B 181 -3.02 5.05 -10.84
CA PHE B 181 -3.26 3.74 -11.41
C PHE B 181 -3.02 3.76 -12.91
N GLN B 182 -2.85 2.56 -13.51
CA GLN B 182 -2.89 2.44 -14.96
C GLN B 182 -3.61 1.14 -15.33
N VAL B 183 -4.13 1.12 -16.57
CA VAL B 183 -4.77 -0.04 -17.20
C VAL B 183 -4.39 -0.03 -18.69
N LEU B 184 -3.97 -1.18 -19.21
CA LEU B 184 -3.69 -1.31 -20.63
C LEU B 184 -4.79 -2.20 -21.23
N VAL B 185 -5.46 -1.72 -22.29
CA VAL B 185 -6.53 -2.46 -22.94
C VAL B 185 -6.15 -2.78 -24.38
N MET B 186 -5.93 -4.07 -24.67
CA MET B 186 -5.58 -4.57 -26.00
C MET B 186 -6.86 -4.84 -26.81
N LEU B 187 -6.87 -4.44 -28.08
CA LEU B 187 -7.84 -4.90 -29.08
C LEU B 187 -7.13 -5.75 -30.13
N GLU B 188 -7.46 -7.05 -30.18
CA GLU B 188 -6.96 -7.94 -31.21
C GLU B 188 -7.81 -7.70 -32.45
N MET B 189 -7.23 -6.99 -33.42
CA MET B 189 -7.89 -6.66 -34.67
C MET B 189 -6.86 -5.96 -35.56
N THR B 190 -6.83 -4.62 -35.51
CA THR B 190 -5.97 -3.82 -36.36
C THR B 190 -4.53 -4.02 -35.91
N GLU B 195 -10.82 1.11 -41.14
CA GLU B 195 -11.63 1.23 -39.90
C GLU B 195 -11.17 2.45 -39.12
N VAL B 196 -12.11 3.01 -38.34
CA VAL B 196 -11.81 3.96 -37.27
C VAL B 196 -11.99 3.24 -35.93
N TYR B 197 -10.90 3.13 -35.18
CA TYR B 197 -10.92 2.61 -33.82
C TYR B 197 -10.82 3.75 -32.80
N THR B 198 -11.72 3.76 -31.82
CA THR B 198 -11.72 4.80 -30.79
C THR B 198 -11.65 4.16 -29.41
N CYS B 199 -10.60 4.52 -28.65
CA CYS B 199 -10.51 4.24 -27.23
C CYS B 199 -11.27 5.31 -26.43
N HIS B 200 -12.22 4.85 -25.61
CA HIS B 200 -13.24 5.60 -24.91
C HIS B 200 -13.03 5.39 -23.39
N VAL B 201 -12.84 6.49 -22.63
CA VAL B 201 -12.53 6.34 -21.21
C VAL B 201 -13.53 7.10 -20.34
N GLU B 202 -14.04 6.42 -19.32
CA GLU B 202 -14.94 7.00 -18.32
C GLU B 202 -14.31 6.92 -16.92
N HIS B 203 -14.33 8.08 -16.24
CA HIS B 203 -13.61 8.31 -15.00
C HIS B 203 -14.19 9.50 -14.27
N PRO B 204 -14.29 9.44 -12.92
CA PRO B 204 -14.90 10.51 -12.13
C PRO B 204 -14.25 11.88 -12.26
N SER B 205 -12.98 11.91 -12.73
CA SER B 205 -12.24 13.15 -12.92
C SER B 205 -12.65 13.89 -14.20
N LEU B 206 -13.64 13.37 -14.94
CA LEU B 206 -13.92 13.81 -16.31
C LEU B 206 -15.39 14.20 -16.42
N LYS B 207 -15.64 15.39 -16.96
CA LYS B 207 -16.98 15.91 -17.16
C LYS B 207 -17.68 15.07 -18.23
N SER B 208 -16.98 14.77 -19.32
CA SER B 208 -17.42 13.82 -20.33
C SER B 208 -16.28 12.91 -20.79
N PRO B 209 -16.55 11.72 -21.36
CA PRO B 209 -15.49 10.76 -21.67
C PRO B 209 -14.36 11.29 -22.54
N ILE B 210 -13.17 10.75 -22.36
CA ILE B 210 -12.08 10.92 -23.30
C ILE B 210 -12.33 9.95 -24.46
N THR B 211 -12.24 10.45 -25.68
CA THR B 211 -12.26 9.56 -26.85
C THR B 211 -11.01 9.86 -27.65
N VAL B 212 -10.23 8.81 -27.94
CA VAL B 212 -9.03 8.97 -28.72
C VAL B 212 -9.16 8.06 -29.95
N GLU B 213 -9.10 8.67 -31.15
CA GLU B 213 -9.36 7.98 -32.41
C GLU B 213 -8.04 7.48 -33.00
N TRP B 214 -8.09 6.33 -33.69
CA TRP B 214 -6.95 5.79 -34.40
C TRP B 214 -7.35 5.42 -35.83
N GLY C 1 -8.03 19.54 9.11
CA GLY C 1 -8.45 18.43 9.98
C GLY C 1 -7.26 17.56 10.37
N LEU C 2 -7.44 16.85 11.49
CA LEU C 2 -6.37 16.08 12.04
C LEU C 2 -6.76 14.61 11.98
N TYR C 3 -5.87 13.82 11.36
CA TYR C 3 -5.90 12.38 11.43
C TYR C 3 -5.63 11.95 12.87
N LEU C 4 -6.49 11.07 13.41
CA LEU C 4 -6.28 10.43 14.70
C LEU C 4 -6.08 8.93 14.51
N GLU C 5 -5.34 8.29 15.40
CA GLU C 5 -4.92 6.92 15.19
C GLU C 5 -5.38 6.00 16.34
N ALA C 6 -5.55 4.72 16.03
CA ALA C 6 -5.68 3.70 17.05
C ALA C 6 -4.46 3.69 17.95
N VAL C 7 -4.71 3.41 19.25
CA VAL C 7 -3.63 3.22 20.20
C VAL C 7 -3.61 1.76 20.65
N PRO C 8 -2.51 1.02 20.42
CA PRO C 8 -2.39 -0.33 20.95
C PRO C 8 -2.31 -0.36 22.48
N LEU C 9 -2.90 -1.41 23.07
CA LEU C 9 -2.72 -1.71 24.47
C LEU C 9 -1.30 -2.20 24.68
N GLN C 10 -0.72 -1.76 25.81
CA GLN C 10 0.58 -2.26 26.24
C GLN C 10 0.47 -3.47 27.18
N VAL C 11 1.28 -4.46 26.89
CA VAL C 11 1.29 -5.72 27.62
C VAL C 11 2.32 -5.66 28.74
N GLY C 12 2.00 -6.20 29.91
CA GLY C 12 2.94 -6.32 31.01
C GLY C 12 3.53 -7.72 31.01
N CYS C 13 4.86 -7.85 31.03
CA CYS C 13 5.50 -9.17 31.16
C CYS C 13 6.65 -9.15 32.19
#